data_7UOD
#
_entry.id   7UOD
#
_cell.length_a   68.182
_cell.length_b   71.830
_cell.length_c   98.809
_cell.angle_alpha   90.000
_cell.angle_beta   90.000
_cell.angle_gamma   90.000
#
_symmetry.space_group_name_H-M   'P 21 2 21'
#
loop_
_entity.id
_entity.type
_entity.pdbx_description
1 polymer ConM
2 non-polymer 'D-ALPHA-AMINOBUTYRIC ACID'
3 non-polymer 'CALCIUM ION'
4 non-polymer 'MANGANESE (II) ION'
5 non-polymer GLYCEROL
6 non-polymer DI(HYDROXYETHYL)ETHER
7 non-polymer 'CHLORIDE ION'
8 non-polymer '(2,4-DICHLOROPHENOXY)ACETIC ACID'
9 water water
#
_entity_poly.entity_id   1
_entity_poly.type   'polypeptide(L)'
_entity_poly.pdbx_seq_one_letter_code
;ADTIVAVELDTYPNTDIGDPSYPHIGIDIKSVRSKKTAKWNMQNGKVGTAHIIYNSVGKRLSAVVSYPNGDSATVSYDVD
LDNVLPEWVRVGLSASTGLYKETNTILSWSFTSKLKSNSTHETNALHFVFNQFSKDQKDLILQGDATTGTDGNLELTRVS
SNGSPQGSSVGRALFYAPVHIWESSAVVASFDATFTFLIKSSDSHPADGIAFFISNIDSSIPSGSTGRLLGLFPDAN
;
_entity_poly.pdbx_strand_id   A,B
#
loop_
_chem_comp.id
_chem_comp.type
_chem_comp.name
_chem_comp.formula
CA non-polymer 'CALCIUM ION' 'Ca 2'
CFA non-polymer '(2,4-DICHLOROPHENOXY)ACETIC ACID' 'C8 H6 Cl2 O3'
CL non-polymer 'CHLORIDE ION' 'Cl -1'
GOL non-polymer GLYCEROL 'C3 H8 O3'
MN non-polymer 'MANGANESE (II) ION' 'Mn 2'
PEG non-polymer DI(HYDROXYETHYL)ETHER 'C4 H10 O3'
#
# COMPACT_ATOMS: atom_id res chain seq x y z
N ALA A 1 -23.96 -7.16 -8.11
CA ALA A 1 -22.77 -7.70 -8.74
C ALA A 1 -21.59 -6.76 -8.50
N ASP A 2 -20.38 -7.29 -8.58
CA ASP A 2 -19.19 -6.44 -8.52
C ASP A 2 -19.17 -5.47 -9.70
N THR A 3 -18.38 -4.40 -9.56
CA THR A 3 -18.08 -3.53 -10.68
C THR A 3 -16.66 -3.82 -11.12
N ILE A 4 -16.47 -4.08 -12.41
CA ILE A 4 -15.19 -4.54 -12.96
C ILE A 4 -14.77 -3.69 -14.15
N VAL A 5 -13.54 -3.15 -14.08
CA VAL A 5 -12.79 -2.69 -15.24
C VAL A 5 -11.58 -3.61 -15.37
N ALA A 6 -11.33 -4.15 -16.57
CA ALA A 6 -10.20 -5.04 -16.71
C ALA A 6 -9.53 -4.94 -18.08
N VAL A 7 -8.27 -5.36 -18.09
CA VAL A 7 -7.54 -5.63 -19.33
C VAL A 7 -7.31 -7.13 -19.38
N GLU A 8 -7.85 -7.78 -20.42
CA GLU A 8 -7.74 -9.23 -20.55
C GLU A 8 -6.70 -9.63 -21.60
N LEU A 9 -5.94 -10.65 -21.23
CA LEU A 9 -5.06 -11.40 -22.12
C LEU A 9 -5.80 -12.71 -22.36
N ASP A 10 -6.53 -12.76 -23.45
CA ASP A 10 -7.54 -13.79 -23.67
C ASP A 10 -6.98 -14.84 -24.62
N THR A 11 -6.64 -16.01 -24.07
CA THR A 11 -5.91 -16.97 -24.89
C THR A 11 -6.81 -17.86 -25.71
N TYR A 12 -8.12 -17.87 -25.43
CA TYR A 12 -9.02 -18.78 -26.12
C TYR A 12 -10.16 -18.03 -26.79
N PRO A 13 -10.37 -18.18 -28.08
CA PRO A 13 -11.48 -17.45 -28.74
C PRO A 13 -12.83 -18.11 -28.48
N ASN A 14 -13.67 -17.45 -27.68
CA ASN A 14 -15.05 -17.86 -27.40
C ASN A 14 -15.96 -17.02 -28.29
N THR A 15 -16.06 -17.39 -29.58
CA THR A 15 -16.80 -16.55 -30.53
C THR A 15 -18.30 -16.53 -30.24
N ASP A 16 -18.81 -17.53 -29.50
CA ASP A 16 -20.21 -17.50 -29.06
C ASP A 16 -20.55 -16.28 -28.23
N ILE A 17 -19.60 -15.76 -27.46
CA ILE A 17 -19.86 -14.63 -26.56
C ILE A 17 -19.12 -13.37 -27.01
N GLY A 18 -18.81 -13.26 -28.28
CA GLY A 18 -18.31 -12.04 -28.83
C GLY A 18 -16.80 -11.91 -28.90
N ASP A 19 -16.03 -12.92 -28.48
CA ASP A 19 -14.61 -12.84 -28.74
C ASP A 19 -14.37 -12.76 -30.24
N PRO A 20 -13.29 -12.14 -30.68
CA PRO A 20 -12.86 -12.29 -32.06
C PRO A 20 -12.29 -13.69 -32.27
N SER A 21 -12.12 -14.10 -33.53
CA SER A 21 -11.82 -15.50 -33.78
C SER A 21 -10.33 -15.86 -33.60
N TYR A 22 -9.62 -15.14 -32.74
CA TYR A 22 -8.20 -15.36 -32.52
C TYR A 22 -7.92 -14.95 -31.07
N PRO A 23 -6.83 -15.43 -30.48
CA PRO A 23 -6.40 -14.88 -29.19
C PRO A 23 -6.21 -13.37 -29.33
N HIS A 24 -6.45 -12.65 -28.23
CA HIS A 24 -6.57 -11.19 -28.31
C HIS A 24 -6.34 -10.59 -26.93
N ILE A 25 -5.95 -9.32 -26.93
CA ILE A 25 -6.01 -8.50 -25.72
C ILE A 25 -7.24 -7.62 -25.84
N GLY A 26 -7.90 -7.36 -24.70
CA GLY A 26 -9.17 -6.65 -24.70
C GLY A 26 -9.31 -5.72 -23.51
N ILE A 27 -10.13 -4.70 -23.69
CA ILE A 27 -10.52 -3.79 -22.62
C ILE A 27 -11.97 -4.09 -22.23
N ASP A 28 -12.17 -4.44 -20.97
CA ASP A 28 -13.46 -4.92 -20.46
C ASP A 28 -14.00 -3.87 -19.49
N ILE A 29 -15.13 -3.26 -19.84
CA ILE A 29 -15.80 -2.30 -18.95
C ILE A 29 -17.15 -2.92 -18.57
N LYS A 30 -17.20 -3.52 -17.38
CA LYS A 30 -18.39 -4.11 -16.76
C LYS A 30 -19.01 -5.23 -17.59
N SER A 31 -18.23 -5.82 -18.49
CA SER A 31 -18.69 -6.96 -19.29
C SER A 31 -17.48 -7.72 -19.80
N VAL A 32 -17.60 -9.06 -19.86
CA VAL A 32 -16.55 -9.87 -20.47
C VAL A 32 -16.51 -9.65 -21.97
N ARG A 33 -17.57 -9.05 -22.55
CA ARG A 33 -17.56 -8.73 -23.97
C ARG A 33 -16.82 -7.41 -24.15
N SER A 34 -15.53 -7.52 -24.51
CA SER A 34 -14.61 -6.39 -24.54
C SER A 34 -15.20 -5.25 -25.38
N LYS A 35 -15.06 -4.02 -24.86
CA LYS A 35 -15.36 -2.85 -25.67
C LYS A 35 -14.40 -2.67 -26.84
N LYS A 36 -13.18 -3.20 -26.73
CA LYS A 36 -12.17 -3.04 -27.77
C LYS A 36 -11.22 -4.22 -27.63
N THR A 37 -10.80 -4.80 -28.76
CA THR A 37 -9.84 -5.90 -28.78
C THR A 37 -8.77 -5.64 -29.81
N ALA A 38 -7.68 -6.38 -29.69
CA ALA A 38 -6.65 -6.44 -30.72
C ALA A 38 -6.09 -7.85 -30.79
N LYS A 39 -5.77 -8.28 -32.01
CA LYS A 39 -5.17 -9.61 -32.20
C LYS A 39 -3.87 -9.76 -31.42
N TRP A 40 -3.74 -10.89 -30.72
CA TRP A 40 -2.59 -11.16 -29.87
C TRP A 40 -2.04 -12.56 -30.13
N ASN A 41 -0.74 -12.65 -30.42
CA ASN A 41 -0.06 -13.95 -30.58
C ASN A 41 0.56 -14.32 -29.22
N MET A 42 -0.12 -15.18 -28.47
CA MET A 42 0.44 -15.68 -27.23
C MET A 42 1.54 -16.68 -27.57
N GLN A 43 2.71 -16.51 -26.96
CA GLN A 43 3.88 -17.33 -27.24
C GLN A 43 4.01 -18.36 -26.13
N ASN A 44 3.63 -19.60 -26.46
CA ASN A 44 3.54 -20.68 -25.49
C ASN A 44 4.89 -20.92 -24.83
N GLY A 45 4.93 -20.82 -23.48
CA GLY A 45 6.14 -21.06 -22.71
C GLY A 45 7.12 -19.89 -22.64
N LYS A 46 6.81 -18.75 -23.22
CA LYS A 46 7.64 -17.57 -23.17
C LYS A 46 7.11 -16.61 -22.11
N VAL A 47 8.02 -15.79 -21.57
CA VAL A 47 7.67 -14.79 -20.57
C VAL A 47 7.24 -13.52 -21.28
N GLY A 48 5.99 -13.08 -21.04
CA GLY A 48 5.45 -11.88 -21.67
C GLY A 48 5.34 -10.78 -20.65
N THR A 49 5.17 -9.54 -21.12
CA THR A 49 5.01 -8.37 -20.26
C THR A 49 3.80 -7.56 -20.72
N ALA A 50 2.94 -7.20 -19.77
CA ALA A 50 1.79 -6.37 -20.05
C ALA A 50 1.96 -5.03 -19.34
N HIS A 51 1.63 -3.94 -20.03
CA HIS A 51 1.64 -2.60 -19.46
C HIS A 51 0.28 -1.99 -19.65
N ILE A 52 -0.30 -1.41 -18.59
CA ILE A 52 -1.63 -0.82 -18.61
C ILE A 52 -1.49 0.62 -18.12
N ILE A 53 -2.14 1.57 -18.82
CA ILE A 53 -1.96 3.01 -18.54
C ILE A 53 -3.29 3.72 -18.65
N TYR A 54 -3.58 4.61 -17.70
CA TYR A 54 -4.77 5.47 -17.78
C TYR A 54 -4.49 6.81 -17.09
N ASN A 55 -5.09 7.89 -17.61
CA ASN A 55 -5.18 9.09 -16.77
C ASN A 55 -6.47 9.84 -17.09
N SER A 56 -6.90 10.62 -16.10
CA SER A 56 -8.19 11.33 -16.12
C SER A 56 -8.20 12.51 -17.07
N VAL A 57 -7.05 12.90 -17.64
CA VAL A 57 -7.01 14.03 -18.57
C VAL A 57 -7.30 13.50 -19.96
N GLY A 58 -6.49 12.54 -20.41
CA GLY A 58 -6.73 11.94 -21.72
C GLY A 58 -7.95 11.02 -21.78
N LYS A 59 -8.35 10.48 -20.62
CA LYS A 59 -9.49 9.56 -20.52
C LYS A 59 -9.39 8.44 -21.53
N ARG A 60 -8.21 7.86 -21.57
CA ARG A 60 -8.03 6.70 -22.41
C ARG A 60 -7.19 5.64 -21.74
N LEU A 61 -7.78 4.44 -21.70
CA LEU A 61 -7.24 3.26 -21.05
C LEU A 61 -6.50 2.49 -22.14
N SER A 62 -5.21 2.29 -21.94
CA SER A 62 -4.35 1.72 -22.96
C SER A 62 -3.64 0.51 -22.39
N ALA A 63 -3.39 -0.46 -23.27
CA ALA A 63 -2.61 -1.60 -22.83
C ALA A 63 -1.75 -2.11 -23.97
N VAL A 64 -0.59 -2.64 -23.62
CA VAL A 64 0.29 -3.29 -24.59
C VAL A 64 0.86 -4.55 -23.96
N VAL A 65 0.89 -5.63 -24.74
CA VAL A 65 1.49 -6.89 -24.29
C VAL A 65 2.59 -7.27 -25.27
N SER A 66 3.74 -7.68 -24.75
CA SER A 66 4.91 -7.90 -25.60
C SER A 66 5.70 -9.11 -25.13
N TYR A 67 6.46 -9.67 -26.06
CA TYR A 67 7.36 -10.78 -25.75
C TYR A 67 8.79 -10.46 -26.15
N PRO A 68 9.77 -11.24 -25.65
CA PRO A 68 11.18 -10.89 -25.90
C PRO A 68 11.58 -10.82 -27.36
N ASN A 69 10.90 -11.52 -28.27
CA ASN A 69 11.27 -11.47 -29.68
C ASN A 69 10.81 -10.20 -30.37
N GLY A 70 10.05 -9.36 -29.67
CA GLY A 70 9.63 -8.08 -30.20
C GLY A 70 8.18 -7.98 -30.56
N ASP A 71 7.48 -9.09 -30.69
CA ASP A 71 6.09 -9.01 -31.11
C ASP A 71 5.23 -8.42 -30.00
N SER A 72 4.30 -7.56 -30.39
CA SER A 72 3.50 -6.84 -29.40
C SER A 72 2.11 -6.61 -29.95
N ALA A 73 1.15 -6.52 -29.05
CA ALA A 73 -0.21 -6.15 -29.41
C ALA A 73 -0.64 -5.01 -28.51
N THR A 74 -1.43 -4.08 -29.05
CA THR A 74 -1.88 -2.93 -28.28
C THR A 74 -3.36 -2.68 -28.49
N VAL A 75 -4.03 -2.23 -27.43
CA VAL A 75 -5.43 -1.85 -27.52
C VAL A 75 -5.66 -0.61 -26.66
N SER A 76 -6.48 0.33 -27.13
CA SER A 76 -6.83 1.52 -26.35
C SER A 76 -8.33 1.74 -26.45
N TYR A 77 -8.92 2.31 -25.40
CA TYR A 77 -10.35 2.61 -25.41
C TYR A 77 -10.58 3.91 -24.67
N ASP A 78 -11.38 4.81 -25.28
CA ASP A 78 -11.69 6.09 -24.68
C ASP A 78 -12.85 5.93 -23.71
N VAL A 79 -12.62 6.27 -22.45
CA VAL A 79 -13.58 6.03 -21.40
C VAL A 79 -13.22 6.91 -20.21
N ASP A 80 -14.24 7.48 -19.59
CA ASP A 80 -14.06 8.26 -18.37
C ASP A 80 -14.34 7.35 -17.19
N LEU A 81 -13.28 6.85 -16.55
CA LEU A 81 -13.49 5.86 -15.50
C LEU A 81 -14.11 6.45 -14.24
N ASP A 82 -14.11 7.78 -14.09
CA ASP A 82 -14.86 8.45 -13.02
C ASP A 82 -16.32 8.06 -13.03
N ASN A 83 -16.87 7.81 -14.22
CA ASN A 83 -18.27 7.43 -14.37
C ASN A 83 -18.51 5.93 -14.28
N VAL A 84 -17.47 5.14 -14.00
CA VAL A 84 -17.56 3.68 -13.98
C VAL A 84 -17.20 3.13 -12.60
N LEU A 85 -16.03 3.49 -12.09
CA LEU A 85 -15.51 2.87 -10.87
C LEU A 85 -16.00 3.60 -9.62
N PRO A 86 -16.12 2.89 -8.50
CA PRO A 86 -16.28 3.58 -7.22
C PRO A 86 -15.00 4.31 -6.86
N GLU A 87 -15.14 5.28 -5.96
CA GLU A 87 -14.03 6.13 -5.55
C GLU A 87 -12.88 5.32 -4.97
N TRP A 88 -13.22 4.32 -4.17
CA TRP A 88 -12.24 3.41 -3.59
C TRP A 88 -12.40 2.05 -4.25
N VAL A 89 -11.27 1.41 -4.57
CA VAL A 89 -11.25 0.13 -5.29
C VAL A 89 -10.18 -0.76 -4.66
N ARG A 90 -10.19 -2.03 -5.07
CA ARG A 90 -8.98 -2.84 -4.98
C ARG A 90 -8.51 -3.17 -6.39
N VAL A 91 -7.22 -3.47 -6.51
CA VAL A 91 -6.64 -3.79 -7.81
C VAL A 91 -6.10 -5.20 -7.70
N GLY A 92 -6.12 -5.92 -8.83
CA GLY A 92 -5.78 -7.34 -8.79
C GLY A 92 -5.42 -7.95 -10.13
N LEU A 93 -5.03 -9.23 -10.04
CA LEU A 93 -4.80 -10.08 -11.19
C LEU A 93 -5.71 -11.28 -11.05
N SER A 94 -6.27 -11.73 -12.17
CA SER A 94 -7.18 -12.87 -12.21
C SER A 94 -6.80 -13.77 -13.36
N ALA A 95 -7.12 -15.07 -13.23
CA ALA A 95 -6.94 -15.98 -14.37
C ALA A 95 -7.84 -17.18 -14.21
N SER A 96 -8.05 -17.90 -15.32
CA SER A 96 -8.91 -19.08 -15.29
C SER A 96 -8.43 -20.10 -16.31
N THR A 97 -8.91 -21.34 -16.11
CA THR A 97 -8.87 -22.41 -17.11
C THR A 97 -10.26 -23.04 -17.17
N GLY A 98 -10.50 -23.85 -18.20
CA GLY A 98 -11.81 -24.48 -18.40
C GLY A 98 -11.68 -25.92 -18.86
N LEU A 99 -12.26 -26.23 -20.02
CA LEU A 99 -12.01 -27.51 -20.67
C LEU A 99 -10.59 -27.59 -21.22
N TYR A 100 -10.02 -26.44 -21.59
CA TYR A 100 -8.61 -26.35 -21.92
C TYR A 100 -7.91 -25.59 -20.80
N LYS A 101 -6.58 -25.68 -20.78
CA LYS A 101 -5.85 -25.26 -19.60
C LYS A 101 -4.48 -24.74 -20.00
N GLU A 102 -3.86 -24.02 -19.06
CA GLU A 102 -2.55 -23.41 -19.23
C GLU A 102 -2.07 -23.04 -17.83
N THR A 103 -0.75 -22.88 -17.67
CA THR A 103 -0.22 -22.21 -16.48
C THR A 103 -0.57 -20.73 -16.61
N ASN A 104 -0.91 -20.12 -15.50
CA ASN A 104 -1.20 -18.68 -15.42
C ASN A 104 -0.25 -18.08 -14.38
N THR A 105 1.04 -18.14 -14.70
CA THR A 105 2.09 -17.79 -13.75
C THR A 105 2.43 -16.30 -13.85
N ILE A 106 2.42 -15.62 -12.72
CA ILE A 106 2.83 -14.21 -12.64
C ILE A 106 4.21 -14.15 -12.02
N LEU A 107 5.18 -13.55 -12.74
CA LEU A 107 6.55 -13.41 -12.24
C LEU A 107 6.79 -12.07 -11.57
N SER A 108 6.02 -11.04 -11.91
CA SER A 108 6.19 -9.74 -11.29
C SER A 108 4.92 -8.92 -11.53
N TRP A 109 4.71 -7.95 -10.65
CA TRP A 109 3.52 -7.09 -10.75
C TRP A 109 3.86 -5.77 -10.07
N SER A 110 3.64 -4.65 -10.77
CA SER A 110 3.78 -3.32 -10.18
C SER A 110 2.54 -2.50 -10.47
N PHE A 111 2.31 -1.52 -9.60
CA PHE A 111 1.13 -0.68 -9.74
C PHE A 111 1.41 0.69 -9.14
N THR A 112 0.93 1.75 -9.80
CA THR A 112 1.07 3.10 -9.25
C THR A 112 -0.24 3.84 -9.48
N SER A 113 -0.75 4.52 -8.46
CA SER A 113 -1.91 5.39 -8.60
C SER A 113 -1.57 6.73 -7.97
N LYS A 114 -1.95 7.81 -8.64
CA LYS A 114 -1.66 9.16 -8.14
C LYS A 114 -2.90 10.03 -8.26
N LEU A 115 -3.10 10.86 -7.24
CA LEU A 115 -4.08 11.95 -7.28
C LEU A 115 -3.32 13.25 -7.11
N LYS A 116 -3.37 14.10 -8.12
CA LYS A 116 -2.60 15.35 -8.15
C LYS A 116 -3.52 16.55 -8.09
N SER A 117 -3.04 17.63 -7.49
CA SER A 117 -3.76 18.89 -7.68
C SER A 117 -2.79 20.01 -8.09
N ASN A 118 -2.53 20.96 -7.21
CA ASN A 118 -1.89 22.22 -7.58
C ASN A 118 -0.45 22.27 -7.10
N SER A 119 0.37 21.37 -7.63
CA SER A 119 1.76 21.22 -7.19
C SER A 119 2.47 20.14 -8.01
N THR A 120 3.80 20.21 -8.04
CA THR A 120 4.61 19.10 -8.54
C THR A 120 4.34 17.77 -7.84
N THR A 123 0.06 15.91 -3.90
CA THR A 123 -0.13 14.62 -4.54
C THR A 123 -0.31 13.55 -3.47
N ASN A 124 -1.37 12.72 -3.60
CA ASN A 124 -1.46 11.45 -2.89
C ASN A 124 -1.06 10.33 -3.84
N ALA A 125 -0.40 9.31 -3.33
CA ALA A 125 0.08 8.27 -4.24
C ALA A 125 0.18 6.94 -3.53
N LEU A 126 0.00 5.87 -4.29
CA LEU A 126 0.28 4.51 -3.85
C LEU A 126 1.12 3.85 -4.92
N HIS A 127 2.23 3.22 -4.52
CA HIS A 127 3.02 2.43 -5.46
C HIS A 127 3.47 1.16 -4.78
N PHE A 128 3.28 0.02 -5.46
CA PHE A 128 3.88 -1.22 -4.97
C PHE A 128 4.49 -1.96 -6.14
N VAL A 129 5.53 -2.74 -5.84
CA VAL A 129 6.10 -3.62 -6.86
C VAL A 129 6.51 -4.93 -6.20
N PHE A 130 6.15 -6.02 -6.84
CA PHE A 130 6.55 -7.37 -6.47
C PHE A 130 7.40 -7.89 -7.61
N ASN A 131 8.70 -8.02 -7.42
CA ASN A 131 9.48 -8.74 -8.41
C ASN A 131 9.75 -10.17 -7.98
N GLN A 132 9.51 -10.47 -6.70
CA GLN A 132 9.49 -11.82 -6.18
C GLN A 132 8.34 -11.89 -5.19
N PHE A 133 7.55 -12.93 -5.30
CA PHE A 133 6.50 -13.25 -4.35
C PHE A 133 7.02 -14.18 -3.27
N SER A 134 6.47 -14.04 -2.07
CA SER A 134 6.80 -14.84 -0.91
C SER A 134 5.74 -15.89 -0.70
N LYS A 135 6.13 -16.97 -0.03
CA LYS A 135 5.20 -18.03 0.34
C LYS A 135 4.01 -17.50 1.14
N ASP A 136 4.25 -16.64 2.11
CA ASP A 136 3.19 -16.07 2.93
C ASP A 136 3.24 -14.57 2.65
N GLN A 137 2.52 -14.15 1.62
CA GLN A 137 2.63 -12.79 1.11
C GLN A 137 1.51 -11.99 1.76
N LYS A 138 1.83 -11.35 2.90
CA LYS A 138 0.79 -10.80 3.75
C LYS A 138 0.10 -9.57 3.16
N ASP A 139 0.70 -8.89 2.18
CA ASP A 139 0.04 -7.76 1.55
C ASP A 139 -0.74 -8.15 0.28
N LEU A 140 -1.00 -9.43 0.08
CA LEU A 140 -1.85 -9.91 -1.01
C LEU A 140 -3.01 -10.71 -0.43
N ILE A 141 -4.19 -10.48 -0.98
CA ILE A 141 -5.38 -11.27 -0.70
C ILE A 141 -5.51 -12.27 -1.83
N LEU A 142 -5.32 -13.55 -1.53
CA LEU A 142 -5.46 -14.59 -2.54
C LEU A 142 -6.89 -15.13 -2.53
N GLN A 143 -7.43 -15.36 -3.72
CA GLN A 143 -8.78 -15.90 -3.84
C GLN A 143 -8.78 -17.11 -4.74
N GLY A 144 -9.70 -18.03 -4.46
CA GLY A 144 -9.86 -19.19 -5.32
C GLY A 144 -8.62 -20.05 -5.26
N ASP A 145 -8.16 -20.48 -6.43
CA ASP A 145 -7.01 -21.39 -6.52
C ASP A 145 -5.65 -20.67 -6.48
N ALA A 146 -5.60 -19.34 -6.37
CA ALA A 146 -4.31 -18.66 -6.44
C ALA A 146 -3.40 -19.02 -5.25
N THR A 147 -2.10 -19.20 -5.52
CA THR A 147 -1.10 -19.49 -4.50
C THR A 147 0.19 -18.72 -4.80
N THR A 148 0.96 -18.40 -3.76
CA THR A 148 2.34 -17.99 -3.98
C THR A 148 3.27 -19.09 -3.51
N GLY A 149 4.38 -19.26 -4.23
CA GLY A 149 5.30 -20.35 -3.99
C GLY A 149 6.61 -19.88 -3.37
N THR A 150 7.50 -20.84 -3.19
CA THR A 150 8.87 -20.54 -2.80
C THR A 150 9.77 -20.35 -3.99
N ASP A 151 9.22 -20.46 -5.20
CA ASP A 151 9.97 -20.13 -6.40
C ASP A 151 9.87 -18.65 -6.75
N GLY A 152 9.16 -17.88 -5.94
CA GLY A 152 9.05 -16.45 -6.14
C GLY A 152 7.95 -16.05 -7.08
N ASN A 153 7.12 -16.99 -7.53
CA ASN A 153 6.04 -16.66 -8.44
C ASN A 153 4.67 -16.78 -7.78
N LEU A 154 3.69 -16.20 -8.47
CA LEU A 154 2.27 -16.21 -8.12
C LEU A 154 1.56 -17.10 -9.14
N GLU A 155 1.02 -18.23 -8.70
CA GLU A 155 0.31 -19.14 -9.61
C GLU A 155 -1.18 -18.82 -9.49
N LEU A 156 -1.74 -18.13 -10.48
CA LEU A 156 -3.13 -17.73 -10.31
C LEU A 156 -4.09 -18.92 -10.38
N THR A 157 -3.78 -19.92 -11.20
CA THR A 157 -4.62 -21.11 -11.31
C THR A 157 -3.84 -22.35 -10.88
N ARG A 158 -4.59 -23.45 -10.66
CA ARG A 158 -4.01 -24.60 -9.98
C ARG A 158 -2.99 -25.33 -10.86
N VAL A 159 -1.87 -25.71 -10.26
CA VAL A 159 -0.85 -26.52 -10.93
C VAL A 159 -0.57 -27.76 -10.09
N SER A 160 -0.39 -28.88 -10.77
CA SER A 160 -0.18 -30.14 -10.08
C SER A 160 1.23 -30.20 -9.51
N SER A 161 1.44 -31.17 -8.61
CA SER A 161 2.78 -31.35 -8.04
C SER A 161 3.82 -31.63 -9.13
N ASN A 162 3.42 -32.31 -10.21
CA ASN A 162 4.35 -32.50 -11.31
C ASN A 162 4.51 -31.26 -12.19
N GLY A 163 3.90 -30.14 -11.79
CA GLY A 163 4.04 -28.88 -12.49
C GLY A 163 2.97 -28.58 -13.54
N SER A 164 2.15 -29.55 -13.89
CA SER A 164 1.22 -29.41 -15.01
C SER A 164 -0.03 -28.62 -14.58
N PRO A 165 -0.54 -27.76 -15.44
CA PRO A 165 -1.74 -26.99 -15.07
C PRO A 165 -3.00 -27.83 -15.03
N GLN A 166 -4.00 -27.35 -14.29
CA GLN A 166 -5.24 -28.08 -14.15
C GLN A 166 -6.38 -27.29 -14.81
N GLY A 167 -7.40 -28.03 -15.25
CA GLY A 167 -8.58 -27.42 -15.82
C GLY A 167 -9.55 -26.90 -14.78
N SER A 168 -10.61 -26.27 -15.29
CA SER A 168 -11.70 -25.71 -14.48
C SER A 168 -11.20 -25.04 -13.20
N SER A 169 -10.21 -24.17 -13.36
CA SER A 169 -9.56 -23.50 -12.22
C SER A 169 -9.79 -22.00 -12.33
N VAL A 170 -9.83 -21.33 -11.18
CA VAL A 170 -9.94 -19.87 -11.19
C VAL A 170 -9.25 -19.32 -9.94
N GLY A 171 -8.48 -18.25 -10.11
CA GLY A 171 -7.83 -17.67 -8.93
C GLY A 171 -7.51 -16.20 -9.18
N ARG A 172 -7.34 -15.47 -8.10
CA ARG A 172 -7.08 -14.02 -8.16
C ARG A 172 -6.20 -13.60 -6.99
N ALA A 173 -5.50 -12.49 -7.18
CA ALA A 173 -4.66 -11.89 -6.16
C ALA A 173 -5.00 -10.41 -6.17
N LEU A 174 -5.36 -9.87 -5.03
CA LEU A 174 -5.65 -8.44 -4.92
C LEU A 174 -4.67 -7.81 -3.95
N PHE A 175 -4.24 -6.58 -4.22
CA PHE A 175 -3.42 -5.91 -3.22
C PHE A 175 -4.24 -5.63 -1.96
N TYR A 176 -3.58 -5.74 -0.80
CA TYR A 176 -4.31 -5.71 0.48
C TYR A 176 -4.98 -4.35 0.72
N ALA A 177 -4.28 -3.23 0.42
CA ALA A 177 -4.88 -1.95 0.76
C ALA A 177 -5.87 -1.51 -0.32
N PRO A 178 -6.99 -0.91 0.09
CA PRO A 178 -7.83 -0.21 -0.89
C PRO A 178 -7.04 0.95 -1.50
N VAL A 179 -7.44 1.30 -2.72
CA VAL A 179 -6.80 2.30 -3.55
C VAL A 179 -7.81 3.41 -3.83
N HIS A 180 -7.36 4.65 -3.67
CA HIS A 180 -8.22 5.80 -3.91
C HIS A 180 -8.05 6.20 -5.36
N ILE A 181 -8.93 5.68 -6.21
CA ILE A 181 -8.64 5.73 -7.65
C ILE A 181 -9.09 7.04 -8.27
N TRP A 182 -10.05 7.73 -7.65
CA TRP A 182 -10.39 9.09 -8.06
C TRP A 182 -10.80 9.89 -6.83
N GLU A 183 -10.72 11.21 -6.96
CA GLU A 183 -11.14 12.08 -5.87
C GLU A 183 -11.50 13.41 -6.50
N SER A 184 -12.68 13.96 -6.15
CA SER A 184 -13.24 15.03 -6.95
C SER A 184 -12.38 16.29 -6.97
N SER A 185 -11.59 16.53 -5.92
CA SER A 185 -10.79 17.75 -5.89
C SER A 185 -9.49 17.61 -6.67
N ALA A 186 -9.10 16.41 -7.06
CA ALA A 186 -7.87 16.22 -7.84
C ALA A 186 -8.04 16.74 -9.27
N VAL A 187 -6.95 17.29 -9.80
CA VAL A 187 -6.93 17.74 -11.18
C VAL A 187 -6.48 16.61 -12.11
N VAL A 188 -5.63 15.71 -11.61
CA VAL A 188 -5.17 14.55 -12.37
C VAL A 188 -5.34 13.33 -11.49
N ALA A 189 -5.95 12.29 -12.03
CA ALA A 189 -5.90 10.97 -11.42
C ALA A 189 -5.31 10.04 -12.47
N SER A 190 -4.26 9.31 -12.10
CA SER A 190 -3.67 8.43 -13.09
C SER A 190 -3.36 7.09 -12.43
N PHE A 191 -3.32 6.04 -13.24
CA PHE A 191 -2.77 4.79 -12.72
C PHE A 191 -1.99 4.09 -13.82
N ASP A 192 -1.06 3.25 -13.38
CA ASP A 192 -0.22 2.45 -14.27
C ASP A 192 -0.09 1.08 -13.65
N ALA A 193 -0.05 0.04 -14.47
CA ALA A 193 0.22 -1.29 -13.94
C ALA A 193 1.09 -2.04 -14.93
N THR A 194 1.96 -2.91 -14.42
CA THR A 194 2.81 -3.74 -15.27
C THR A 194 2.82 -5.11 -14.63
N PHE A 195 2.71 -6.17 -15.45
CA PHE A 195 3.01 -7.49 -14.91
C PHE A 195 3.71 -8.35 -15.95
N THR A 196 4.48 -9.31 -15.47
CA THR A 196 5.10 -10.28 -16.37
C THR A 196 4.53 -11.63 -16.04
N PHE A 197 4.42 -12.47 -17.06
CA PHE A 197 3.64 -13.69 -16.94
C PHE A 197 4.28 -14.78 -17.79
N LEU A 198 3.95 -16.02 -17.46
CA LEU A 198 4.41 -17.15 -18.24
C LEU A 198 3.21 -18.07 -18.41
N ILE A 199 2.66 -18.08 -19.62
CA ILE A 199 1.54 -18.97 -19.97
C ILE A 199 2.11 -20.12 -20.79
N LYS A 200 1.95 -21.33 -20.29
CA LYS A 200 2.47 -22.54 -20.93
C LYS A 200 1.40 -23.62 -20.94
N SER A 201 1.32 -24.37 -22.05
CA SER A 201 0.29 -25.39 -22.17
C SER A 201 0.79 -26.49 -23.09
N SER A 202 0.42 -27.73 -22.77
CA SER A 202 0.56 -28.83 -23.71
C SER A 202 -0.78 -29.24 -24.30
N ASP A 203 -1.84 -28.47 -24.03
CA ASP A 203 -3.16 -28.85 -24.50
C ASP A 203 -3.31 -28.64 -26.00
N SER A 204 -4.39 -29.22 -26.53
CA SER A 204 -4.80 -28.98 -27.91
C SER A 204 -4.87 -27.48 -28.22
N HIS A 205 -5.28 -26.68 -27.24
CA HIS A 205 -5.38 -25.23 -27.28
C HIS A 205 -5.17 -24.76 -25.86
N PRO A 206 -4.38 -23.71 -25.62
CA PRO A 206 -4.35 -23.13 -24.28
C PRO A 206 -5.66 -22.41 -24.00
N ALA A 207 -6.02 -22.34 -22.71
CA ALA A 207 -7.10 -21.46 -22.30
C ALA A 207 -6.95 -21.23 -20.80
N ASP A 208 -7.58 -20.20 -20.26
CA ASP A 208 -8.46 -19.12 -20.79
C ASP A 208 -7.85 -17.75 -20.82
N GLY A 209 -6.88 -17.46 -19.95
CA GLY A 209 -6.21 -16.18 -19.96
C GLY A 209 -5.97 -15.56 -18.61
N ILE A 210 -5.40 -14.36 -18.62
CA ILE A 210 -5.03 -13.59 -17.43
C ILE A 210 -5.60 -12.19 -17.62
N ALA A 211 -6.04 -11.54 -16.53
CA ALA A 211 -6.51 -10.16 -16.58
C ALA A 211 -5.93 -9.36 -15.42
N PHE A 212 -5.66 -8.09 -15.69
CA PHE A 212 -5.51 -7.10 -14.62
C PHE A 212 -6.86 -6.43 -14.45
N PHE A 213 -7.31 -6.29 -13.20
CA PHE A 213 -8.62 -5.72 -12.97
C PHE A 213 -8.64 -4.76 -11.80
N ILE A 214 -9.67 -3.92 -11.82
CA ILE A 214 -9.97 -2.96 -10.77
C ILE A 214 -11.43 -3.21 -10.41
N SER A 215 -11.71 -3.35 -9.13
CA SER A 215 -13.01 -3.79 -8.64
C SER A 215 -13.43 -2.95 -7.43
N ASN A 216 -14.72 -3.08 -7.08
CA ASN A 216 -15.10 -2.68 -5.72
C ASN A 216 -14.23 -3.38 -4.68
N ILE A 217 -14.09 -2.73 -3.50
CA ILE A 217 -13.12 -3.19 -2.51
C ILE A 217 -13.47 -4.58 -1.98
N ASP A 218 -14.75 -4.95 -1.97
CA ASP A 218 -15.18 -6.24 -1.45
C ASP A 218 -15.43 -7.27 -2.56
N SER A 219 -14.78 -7.12 -3.69
CA SER A 219 -14.97 -8.04 -4.82
C SER A 219 -14.52 -9.45 -4.48
N SER A 220 -15.29 -10.44 -4.94
CA SER A 220 -14.95 -11.85 -4.79
C SER A 220 -15.17 -12.54 -6.14
N ILE A 221 -14.58 -13.73 -6.28
CA ILE A 221 -14.73 -14.49 -7.51
C ILE A 221 -16.21 -14.83 -7.71
N PRO A 222 -16.84 -14.42 -8.82
CA PRO A 222 -18.23 -14.82 -9.08
C PRO A 222 -18.35 -16.33 -9.18
N SER A 223 -19.41 -16.86 -8.59
CA SER A 223 -19.65 -18.30 -8.71
C SER A 223 -19.72 -18.69 -10.19
N GLY A 224 -19.05 -19.79 -10.53
CA GLY A 224 -19.09 -20.30 -11.89
C GLY A 224 -18.27 -19.56 -12.91
N SER A 225 -17.29 -18.74 -12.48
CA SER A 225 -16.53 -17.92 -13.41
C SER A 225 -15.21 -18.55 -13.84
N THR A 226 -15.11 -19.89 -13.88
CA THR A 226 -13.99 -20.54 -14.56
C THR A 226 -14.12 -20.33 -16.06
N GLY A 227 -13.16 -20.85 -16.81
CA GLY A 227 -13.29 -20.83 -18.24
C GLY A 227 -13.34 -19.42 -18.83
N ARG A 228 -14.30 -19.20 -19.72
CA ARG A 228 -14.32 -17.98 -20.53
C ARG A 228 -14.61 -16.72 -19.73
N LEU A 229 -15.04 -16.83 -18.48
CA LEU A 229 -15.39 -15.64 -17.69
C LEU A 229 -14.21 -15.09 -16.89
N LEU A 230 -13.06 -15.81 -16.92
CA LEU A 230 -11.76 -15.29 -16.44
C LEU A 230 -11.74 -14.88 -14.96
N GLY A 231 -12.63 -15.47 -14.15
CA GLY A 231 -12.80 -15.14 -12.75
C GLY A 231 -13.30 -13.73 -12.47
N LEU A 232 -13.83 -13.03 -13.49
CA LEU A 232 -14.22 -11.62 -13.36
C LEU A 232 -15.72 -11.39 -13.30
N PHE A 233 -16.49 -12.22 -14.02
CA PHE A 233 -17.90 -11.91 -14.28
C PHE A 233 -18.78 -13.13 -14.00
N PRO A 234 -20.02 -12.89 -13.59
CA PRO A 234 -20.93 -14.01 -13.30
C PRO A 234 -21.56 -14.60 -14.54
N ASP A 235 -21.50 -13.90 -15.66
CA ASP A 235 -22.14 -14.34 -16.89
C ASP A 235 -21.46 -13.64 -18.05
N ALA A 236 -21.84 -14.03 -19.26
CA ALA A 236 -21.25 -13.50 -20.47
C ALA A 236 -22.04 -12.34 -21.06
N ASN A 237 -22.88 -11.69 -20.25
CA ASN A 237 -23.67 -10.57 -20.73
C ASN A 237 -22.83 -9.36 -21.08
N ALA B 1 3.39 -8.61 24.63
CA ALA B 1 3.24 -7.20 24.30
C ALA B 1 3.64 -6.94 22.84
N ASP B 2 3.30 -5.76 22.35
CA ASP B 2 3.73 -5.37 21.01
C ASP B 2 5.24 -5.24 20.97
N THR B 3 5.77 -5.23 19.74
CA THR B 3 7.16 -4.89 19.50
C THR B 3 7.16 -3.54 18.80
N ILE B 4 7.91 -2.57 19.33
CA ILE B 4 7.84 -1.18 18.87
C ILE B 4 9.23 -0.62 18.63
N VAL B 5 9.44 -0.09 17.43
CA VAL B 5 10.54 0.82 17.12
C VAL B 5 9.90 2.16 16.76
N ALA B 6 10.36 3.24 17.38
CA ALA B 6 9.74 4.52 17.11
C ALA B 6 10.76 5.65 17.12
N VAL B 7 10.40 6.71 16.43
CA VAL B 7 11.06 7.99 16.55
C VAL B 7 10.09 8.92 17.26
N GLU B 8 10.47 9.42 18.44
CA GLU B 8 9.59 10.29 19.20
C GLU B 8 9.95 11.76 19.09
N LEU B 9 8.93 12.59 18.93
CA LEU B 9 9.02 14.06 19.03
C LEU B 9 8.38 14.36 20.40
N ASP B 10 9.21 14.49 21.42
CA ASP B 10 8.76 14.46 22.80
C ASP B 10 8.73 15.90 23.32
N THR B 11 7.53 16.45 23.50
CA THR B 11 7.40 17.86 23.83
C THR B 11 7.48 18.12 25.33
N TYR B 12 7.39 17.09 26.15
CA TYR B 12 7.31 17.25 27.60
C TYR B 12 8.41 16.45 28.33
N PRO B 13 9.28 17.11 29.10
CA PRO B 13 10.35 16.38 29.79
C PRO B 13 9.82 15.64 31.00
N ASN B 14 9.75 14.32 30.91
CA ASN B 14 9.43 13.47 32.05
C ASN B 14 10.77 12.96 32.56
N THR B 15 11.49 13.80 33.33
CA THR B 15 12.80 13.38 33.82
C THR B 15 12.68 12.22 34.79
N ASP B 16 11.46 11.90 35.20
CA ASP B 16 11.13 10.83 36.11
C ASP B 16 11.35 9.46 35.47
N ILE B 17 11.32 9.40 34.14
CA ILE B 17 11.43 8.13 33.41
C ILE B 17 12.51 8.22 32.34
N GLY B 18 13.49 9.09 32.55
CA GLY B 18 14.66 9.09 31.71
C GLY B 18 14.74 10.15 30.63
N ASP B 19 13.70 10.98 30.44
CA ASP B 19 13.80 12.06 29.48
C ASP B 19 14.90 13.03 29.92
N PRO B 20 15.60 13.65 28.98
CA PRO B 20 16.44 14.79 29.34
C PRO B 20 15.53 15.91 29.82
N SER B 21 16.12 16.94 30.44
CA SER B 21 15.30 17.97 31.06
C SER B 21 14.86 19.05 30.07
N TYR B 22 14.62 18.67 28.81
CA TYR B 22 14.16 19.59 27.79
C TYR B 22 13.35 18.78 26.79
N PRO B 23 12.52 19.44 25.98
CA PRO B 23 11.91 18.75 24.85
C PRO B 23 12.99 18.20 23.95
N HIS B 24 12.69 17.09 23.29
CA HIS B 24 13.74 16.34 22.62
C HIS B 24 13.13 15.46 21.54
N ILE B 25 13.97 15.08 20.58
CA ILE B 25 13.67 13.97 19.70
C ILE B 25 14.47 12.75 20.15
N GLY B 26 13.86 11.57 20.07
CA GLY B 26 14.50 10.36 20.55
C GLY B 26 14.23 9.16 19.66
N ILE B 27 15.16 8.19 19.73
CA ILE B 27 15.02 6.90 19.06
C ILE B 27 14.66 5.86 20.13
N ASP B 28 13.52 5.22 19.96
CA ASP B 28 12.98 4.27 20.94
C ASP B 28 13.02 2.87 20.36
N ILE B 29 13.78 1.98 21.00
CA ILE B 29 13.86 0.57 20.61
C ILE B 29 13.31 -0.25 21.77
N LYS B 30 12.05 -0.66 21.63
CA LYS B 30 11.31 -1.52 22.55
C LYS B 30 11.22 -0.93 23.96
N SER B 31 11.39 0.38 24.11
CA SER B 31 11.16 1.05 25.38
C SER B 31 10.97 2.54 25.15
N VAL B 32 10.19 3.18 26.03
CA VAL B 32 9.97 4.63 25.95
C VAL B 32 11.21 5.41 26.39
N ARG B 33 12.15 4.76 27.07
CA ARG B 33 13.38 5.41 27.51
C ARG B 33 14.32 5.34 26.32
N SER B 34 14.36 6.43 25.55
CA SER B 34 15.07 6.49 24.28
C SER B 34 16.49 5.97 24.43
N LYS B 35 16.97 5.24 23.43
CA LYS B 35 18.37 4.87 23.38
C LYS B 35 19.27 6.05 23.06
N LYS B 36 18.73 7.09 22.42
CA LYS B 36 19.49 8.26 22.00
C LYS B 36 18.50 9.42 21.92
N THR B 37 18.88 10.59 22.43
CA THR B 37 18.05 11.80 22.31
C THR B 37 18.88 12.97 21.83
N ALA B 38 18.19 14.01 21.42
CA ALA B 38 18.80 15.28 21.06
C ALA B 38 17.84 16.39 21.45
N LYS B 39 18.37 17.50 21.94
CA LYS B 39 17.52 18.62 22.33
C LYS B 39 16.75 19.16 21.13
N TRP B 40 15.48 19.48 21.36
CA TRP B 40 14.57 19.93 20.32
C TRP B 40 13.77 21.15 20.80
N ASN B 41 13.85 22.24 20.03
CA ASN B 41 13.02 23.42 20.29
C ASN B 41 11.74 23.28 19.46
N MET B 42 10.68 22.79 20.07
CA MET B 42 9.39 22.78 19.40
C MET B 42 8.87 24.23 19.28
N GLN B 43 8.39 24.59 18.10
CA GLN B 43 7.95 25.96 17.80
C GLN B 43 6.42 25.97 17.79
N ASN B 44 5.83 26.48 18.88
CA ASN B 44 4.39 26.39 19.12
C ASN B 44 3.62 27.08 18.00
N GLY B 45 2.71 26.33 17.36
CA GLY B 45 1.91 26.85 16.27
C GLY B 45 2.53 26.82 14.89
N LYS B 46 3.79 26.38 14.77
CA LYS B 46 4.49 26.35 13.48
C LYS B 46 4.41 24.92 12.91
N VAL B 47 4.44 24.82 11.57
CA VAL B 47 4.44 23.52 10.89
C VAL B 47 5.87 23.01 10.83
N GLY B 48 6.10 21.83 11.40
CA GLY B 48 7.41 21.21 11.37
C GLY B 48 7.38 20.01 10.44
N THR B 49 8.57 19.50 10.15
CA THR B 49 8.71 18.32 9.29
C THR B 49 9.72 17.37 9.94
N ALA B 50 9.37 16.08 9.98
CA ALA B 50 10.22 15.02 10.50
C ALA B 50 10.61 14.08 9.36
N HIS B 51 11.91 13.76 9.27
CA HIS B 51 12.38 12.80 8.29
C HIS B 51 13.05 11.68 9.06
N ILE B 52 12.71 10.44 8.73
CA ILE B 52 13.25 9.25 9.39
C ILE B 52 13.86 8.39 8.29
N ILE B 53 15.07 7.85 8.55
CA ILE B 53 15.83 7.15 7.51
C ILE B 53 16.53 5.95 8.13
N TYR B 54 16.44 4.78 7.48
CA TYR B 54 17.17 3.56 7.89
C TYR B 54 17.59 2.73 6.69
N ASN B 55 18.76 2.08 6.75
CA ASN B 55 19.00 0.99 5.78
C ASN B 55 19.86 -0.08 6.44
N SER B 56 19.65 -1.32 5.97
CA SER B 56 20.30 -2.52 6.50
C SER B 56 21.78 -2.59 6.20
N VAL B 57 22.33 -1.67 5.39
CA VAL B 57 23.76 -1.68 5.11
C VAL B 57 24.48 -0.91 6.20
N GLY B 58 24.11 0.37 6.37
CA GLY B 58 24.68 1.18 7.45
C GLY B 58 24.16 0.85 8.84
N LYS B 59 22.97 0.27 8.95
CA LYS B 59 22.38 -0.11 10.25
C LYS B 59 22.44 1.08 11.21
N ARG B 60 22.06 2.24 10.69
CA ARG B 60 21.79 3.47 11.43
C ARG B 60 20.41 3.99 11.22
N LEU B 61 19.71 4.10 12.33
CA LEU B 61 18.41 4.73 12.30
C LEU B 61 18.61 6.21 12.60
N SER B 62 18.19 7.08 11.67
CA SER B 62 18.45 8.51 11.78
C SER B 62 17.15 9.28 11.69
N ALA B 63 17.08 10.42 12.38
CA ALA B 63 15.89 11.26 12.27
C ALA B 63 16.29 12.71 12.41
N VAL B 64 15.57 13.57 11.70
CA VAL B 64 15.75 15.01 11.85
C VAL B 64 14.38 15.66 11.86
N VAL B 65 14.22 16.66 12.72
CA VAL B 65 12.99 17.44 12.79
C VAL B 65 13.36 18.91 12.59
N SER B 66 12.60 19.60 11.76
CA SER B 66 12.99 20.95 11.36
C SER B 66 11.74 21.81 11.22
N TYR B 67 11.95 23.11 11.32
CA TYR B 67 10.95 24.15 11.12
C TYR B 67 11.36 25.09 9.99
N PRO B 68 10.43 25.90 9.46
CA PRO B 68 10.74 26.71 8.28
C PRO B 68 11.78 27.78 8.52
N ASN B 69 12.03 28.18 9.78
CA ASN B 69 13.12 29.11 10.03
C ASN B 69 14.48 28.42 10.00
N GLY B 70 14.53 27.10 9.85
CA GLY B 70 15.77 26.37 9.70
C GLY B 70 16.28 25.67 10.95
N ASP B 71 15.77 26.04 12.13
CA ASP B 71 16.17 25.33 13.33
C ASP B 71 15.84 23.84 13.20
N SER B 72 16.78 23.00 13.60
CA SER B 72 16.57 21.57 13.42
C SER B 72 17.29 20.81 14.53
N ALA B 73 16.78 19.63 14.82
CA ALA B 73 17.39 18.70 15.76
C ALA B 73 17.54 17.36 15.07
N THR B 74 18.67 16.67 15.33
CA THR B 74 18.93 15.39 14.69
C THR B 74 19.38 14.38 15.73
N VAL B 75 19.02 13.13 15.50
CA VAL B 75 19.42 12.02 16.37
C VAL B 75 19.63 10.77 15.50
N SER B 76 20.69 10.00 15.79
CA SER B 76 21.00 8.78 15.06
C SER B 76 21.39 7.71 16.07
N TYR B 77 21.03 6.46 15.79
CA TYR B 77 21.36 5.33 16.67
C TYR B 77 21.76 4.10 15.86
N ASP B 78 22.88 3.47 16.21
CA ASP B 78 23.33 2.29 15.47
C ASP B 78 22.57 1.08 15.97
N VAL B 79 21.83 0.41 15.10
CA VAL B 79 21.03 -0.74 15.48
C VAL B 79 20.76 -1.55 14.23
N ASP B 80 20.81 -2.88 14.38
CA ASP B 80 20.41 -3.82 13.31
C ASP B 80 18.95 -4.19 13.54
N LEU B 81 18.04 -3.54 12.81
CA LEU B 81 16.63 -3.77 13.08
C LEU B 81 16.16 -5.17 12.66
N ASP B 82 16.98 -5.92 11.90
CA ASP B 82 16.71 -7.33 11.66
C ASP B 82 16.57 -8.12 12.96
N ASN B 83 17.31 -7.73 13.97
CA ASN B 83 17.32 -8.38 15.27
C ASN B 83 16.21 -7.90 16.19
N VAL B 84 15.41 -6.93 15.75
CA VAL B 84 14.44 -6.28 16.60
C VAL B 84 13.03 -6.52 16.09
N LEU B 85 12.79 -6.26 14.78
CA LEU B 85 11.44 -6.26 14.27
C LEU B 85 11.07 -7.62 13.66
N PRO B 86 9.78 -7.94 13.68
CA PRO B 86 9.29 -9.05 12.89
C PRO B 86 9.44 -8.72 11.40
N GLU B 87 9.45 -9.79 10.60
CA GLU B 87 9.65 -9.65 9.16
C GLU B 87 8.57 -8.80 8.53
N TRP B 88 7.33 -9.01 8.95
CA TRP B 88 6.22 -8.19 8.51
C TRP B 88 5.79 -7.26 9.64
N VAL B 89 5.42 -6.04 9.28
CA VAL B 89 5.10 -5.01 10.26
C VAL B 89 3.93 -4.18 9.75
N ARG B 90 3.39 -3.34 10.62
CA ARG B 90 2.66 -2.16 10.16
C ARG B 90 3.41 -0.90 10.60
N VAL B 91 3.18 0.19 9.87
CA VAL B 91 3.86 1.45 10.14
C VAL B 91 2.77 2.47 10.47
N GLY B 92 3.12 3.42 11.33
CA GLY B 92 2.11 4.33 11.82
C GLY B 92 2.63 5.59 12.47
N LEU B 93 1.66 6.43 12.85
CA LEU B 93 1.89 7.65 13.59
C LEU B 93 1.07 7.57 14.87
N SER B 94 1.63 8.05 15.97
CA SER B 94 0.98 8.00 17.29
C SER B 94 1.17 9.33 17.99
N ALA B 95 0.24 9.68 18.89
CA ALA B 95 0.44 10.90 19.66
C ALA B 95 -0.44 10.81 20.90
N SER B 96 -0.09 11.60 21.92
CA SER B 96 -0.81 11.55 23.19
C SER B 96 -0.83 12.93 23.84
N THR B 97 -1.79 13.13 24.73
CA THR B 97 -1.78 14.22 25.69
C THR B 97 -2.01 13.63 27.08
N GLY B 98 -1.77 14.44 28.10
CA GLY B 98 -1.92 13.95 29.45
C GLY B 98 -2.52 15.04 30.31
N LEU B 99 -1.75 15.47 31.30
CA LEU B 99 -2.14 16.58 32.15
C LEU B 99 -1.91 17.93 31.47
N TYR B 100 -0.91 18.01 30.59
CA TYR B 100 -0.75 19.11 29.65
C TYR B 100 -1.18 18.63 28.27
N LYS B 101 -1.41 19.56 27.36
CA LYS B 101 -1.97 19.12 26.08
C LYS B 101 -1.50 20.01 24.94
N GLU B 102 -1.82 19.56 23.72
CA GLU B 102 -1.41 20.21 22.48
C GLU B 102 -2.24 19.59 21.37
N THR B 103 -2.35 20.30 20.24
CA THR B 103 -2.84 19.63 19.04
C THR B 103 -1.71 18.75 18.50
N ASN B 104 -2.09 17.60 17.95
CA ASN B 104 -1.16 16.67 17.31
C ASN B 104 -1.64 16.44 15.89
N THR B 105 -1.59 17.51 15.10
CA THR B 105 -2.16 17.55 13.76
C THR B 105 -1.10 17.13 12.75
N ILE B 106 -1.42 16.13 11.93
CA ILE B 106 -0.57 15.67 10.84
C ILE B 106 -1.09 16.27 9.53
N LEU B 107 -0.23 17.01 8.83
CA LEU B 107 -0.63 17.60 7.54
C LEU B 107 -0.27 16.71 6.37
N SER B 108 0.76 15.89 6.51
CA SER B 108 1.17 14.98 5.43
C SER B 108 2.01 13.85 6.00
N TRP B 109 2.02 12.73 5.29
CA TRP B 109 2.82 11.58 5.70
C TRP B 109 3.18 10.76 4.47
N SER B 110 4.46 10.42 4.34
CA SER B 110 4.90 9.55 3.26
C SER B 110 5.79 8.46 3.83
N PHE B 111 5.84 7.34 3.11
CA PHE B 111 6.63 6.21 3.58
C PHE B 111 7.12 5.43 2.37
N THR B 112 8.35 4.92 2.42
CA THR B 112 8.87 4.05 1.37
C THR B 112 9.63 2.91 2.00
N SER B 113 9.36 1.69 1.60
CA SER B 113 10.18 0.55 2.01
C SER B 113 10.61 -0.20 0.76
N LYS B 114 11.89 -0.60 0.72
CA LYS B 114 12.38 -1.37 -0.41
C LYS B 114 13.19 -2.56 0.05
N LEU B 115 13.03 -3.68 -0.65
CA LEU B 115 13.89 -4.86 -0.49
C LEU B 115 14.58 -5.10 -1.83
N LYS B 116 15.89 -4.97 -1.86
CA LYS B 116 16.67 -5.08 -3.10
C LYS B 116 17.56 -6.31 -3.07
N SER B 117 17.87 -6.82 -4.25
CA SER B 117 18.90 -7.87 -4.36
C SER B 117 19.82 -7.59 -5.55
N THR B 123 13.64 -6.04 -7.09
CA THR B 123 13.21 -5.16 -6.00
C THR B 123 11.73 -5.38 -5.70
N ASN B 124 11.39 -5.49 -4.41
CA ASN B 124 10.04 -5.31 -3.92
C ASN B 124 9.96 -3.98 -3.22
N ALA B 125 8.80 -3.32 -3.32
CA ALA B 125 8.76 -1.97 -2.76
C ALA B 125 7.32 -1.60 -2.45
N LEU B 126 7.17 -0.79 -1.40
CA LEU B 126 5.92 -0.11 -1.06
C LEU B 126 6.20 1.37 -0.88
N HIS B 127 5.37 2.22 -1.50
CA HIS B 127 5.47 3.64 -1.26
C HIS B 127 4.06 4.23 -1.17
N PHE B 128 3.79 5.01 -0.16
CA PHE B 128 2.54 5.78 -0.14
C PHE B 128 2.83 7.21 0.29
N VAL B 129 1.99 8.12 -0.18
CA VAL B 129 2.09 9.54 0.15
C VAL B 129 0.70 10.05 0.42
N PHE B 130 0.50 10.65 1.58
CA PHE B 130 -0.72 11.42 1.89
C PHE B 130 -0.30 12.87 2.05
N ASN B 131 -0.63 13.71 1.08
CA ASN B 131 -0.47 15.14 1.29
C ASN B 131 -1.78 15.81 1.68
N GLN B 132 -2.90 15.12 1.51
CA GLN B 132 -4.20 15.52 2.02
C GLN B 132 -4.88 14.25 2.47
N PHE B 133 -5.42 14.28 3.66
CA PHE B 133 -6.18 13.17 4.21
C PHE B 133 -7.66 13.38 3.89
N SER B 134 -8.37 12.26 3.73
CA SER B 134 -9.79 12.22 3.41
C SER B 134 -10.61 11.92 4.66
N LYS B 135 -11.86 12.38 4.66
CA LYS B 135 -12.76 12.12 5.77
C LYS B 135 -12.87 10.63 6.08
N ASP B 136 -13.05 9.80 5.07
CA ASP B 136 -13.19 8.37 5.28
C ASP B 136 -12.01 7.73 4.54
N GLN B 137 -10.92 7.52 5.27
CA GLN B 137 -9.62 7.29 4.65
C GLN B 137 -9.48 5.77 4.68
N LYS B 138 -9.88 5.09 3.60
CA LYS B 138 -10.03 3.65 3.71
C LYS B 138 -8.70 2.91 3.80
N ASP B 139 -7.59 3.55 3.43
CA ASP B 139 -6.31 2.87 3.55
C ASP B 139 -5.58 3.24 4.84
N LEU B 140 -6.29 3.82 5.82
CA LEU B 140 -5.71 4.05 7.14
C LEU B 140 -6.52 3.30 8.19
N ILE B 141 -5.84 2.73 9.17
CA ILE B 141 -6.47 2.13 10.34
C ILE B 141 -6.33 3.15 11.45
N LEU B 142 -7.43 3.77 11.89
CA LEU B 142 -7.40 4.76 12.95
C LEU B 142 -7.71 4.07 14.29
N GLN B 143 -6.91 4.38 15.31
CA GLN B 143 -7.06 3.77 16.63
C GLN B 143 -7.19 4.88 17.69
N GLY B 144 -7.95 4.61 18.74
CA GLY B 144 -8.05 5.57 19.82
C GLY B 144 -8.83 6.79 19.38
N ASP B 145 -8.30 7.97 19.69
CA ASP B 145 -8.96 9.24 19.43
C ASP B 145 -8.66 9.80 18.04
N ALA B 146 -7.88 9.11 17.21
CA ALA B 146 -7.46 9.67 15.93
C ALA B 146 -8.64 9.83 14.97
N THR B 147 -8.70 10.96 14.26
CA THR B 147 -9.71 11.20 13.24
C THR B 147 -9.06 11.87 12.02
N THR B 148 -9.69 11.70 10.86
CA THR B 148 -9.41 12.56 9.71
C THR B 148 -10.58 13.49 9.45
N GLY B 149 -10.29 14.72 9.02
CA GLY B 149 -11.28 15.76 8.89
C GLY B 149 -11.68 16.06 7.46
N THR B 150 -12.28 17.24 7.27
CA THR B 150 -12.50 17.81 5.95
C THR B 150 -11.53 18.93 5.65
N ASP B 151 -10.59 19.21 6.55
CA ASP B 151 -9.54 20.16 6.28
C ASP B 151 -8.29 19.51 5.69
N GLY B 152 -8.36 18.22 5.38
CA GLY B 152 -7.26 17.51 4.78
C GLY B 152 -6.23 17.03 5.77
N ASN B 153 -6.48 17.18 7.06
CA ASN B 153 -5.48 16.82 8.05
C ASN B 153 -5.93 15.61 8.86
N LEU B 154 -4.95 15.02 9.54
CA LEU B 154 -5.14 13.89 10.44
C LEU B 154 -4.94 14.41 11.87
N GLU B 155 -5.98 14.32 12.73
CA GLU B 155 -5.86 14.78 14.12
C GLU B 155 -5.60 13.55 14.99
N LEU B 156 -4.36 13.40 15.49
CA LEU B 156 -4.07 12.15 16.19
C LEU B 156 -4.73 12.08 17.57
N THR B 157 -4.81 13.20 18.28
CA THR B 157 -5.49 13.26 19.57
C THR B 157 -6.73 14.14 19.46
N ARG B 158 -7.56 14.09 20.50
CA ARG B 158 -8.91 14.66 20.38
C ARG B 158 -8.84 16.19 20.42
N VAL B 159 -9.64 16.82 19.57
CA VAL B 159 -9.80 18.27 19.61
C VAL B 159 -11.28 18.55 19.81
N SER B 160 -11.57 19.56 20.62
CA SER B 160 -12.95 19.94 20.93
C SER B 160 -13.59 20.64 19.73
N SER B 161 -14.92 20.81 19.80
CA SER B 161 -15.64 21.43 18.68
C SER B 161 -15.15 22.85 18.42
N ASN B 162 -14.82 23.59 19.47
CA ASN B 162 -14.30 24.94 19.30
C ASN B 162 -12.83 24.97 18.89
N GLY B 163 -12.25 23.80 18.60
CA GLY B 163 -10.91 23.71 18.05
C GLY B 163 -9.81 23.38 19.03
N SER B 164 -10.13 23.29 20.36
CA SER B 164 -8.96 23.24 21.21
C SER B 164 -8.63 21.81 21.60
N PRO B 165 -7.35 21.56 21.88
CA PRO B 165 -6.92 20.20 22.21
C PRO B 165 -7.42 19.79 23.58
N GLN B 166 -7.58 18.48 23.76
CA GLN B 166 -8.06 17.93 25.01
C GLN B 166 -6.97 17.09 25.67
N GLY B 167 -7.03 17.00 27.01
CA GLY B 167 -6.06 16.23 27.76
C GLY B 167 -6.36 14.74 27.77
N SER B 168 -5.41 13.99 28.35
CA SER B 168 -5.43 12.54 28.47
C SER B 168 -6.09 11.89 27.26
N SER B 169 -5.59 12.23 26.06
CA SER B 169 -6.06 11.68 24.80
C SER B 169 -4.94 10.88 24.15
N VAL B 170 -5.31 9.87 23.37
CA VAL B 170 -4.31 9.09 22.64
C VAL B 170 -4.93 8.56 21.34
N GLY B 171 -4.16 8.60 20.25
CA GLY B 171 -4.69 8.09 19.00
C GLY B 171 -3.55 7.74 18.07
N ARG B 172 -3.84 6.86 17.11
CA ARG B 172 -2.83 6.40 16.16
C ARG B 172 -3.48 6.19 14.79
N ALA B 173 -2.64 6.27 13.76
CA ALA B 173 -3.05 5.96 12.40
C ALA B 173 -2.02 5.01 11.81
N LEU B 174 -2.47 3.87 11.28
CA LEU B 174 -1.57 2.87 10.71
C LEU B 174 -1.91 2.66 9.24
N PHE B 175 -0.89 2.46 8.39
CA PHE B 175 -1.24 2.17 7.00
C PHE B 175 -1.90 0.78 6.92
N TYR B 176 -2.92 0.68 6.06
CA TYR B 176 -3.76 -0.52 6.03
C TYR B 176 -2.96 -1.79 5.72
N ALA B 177 -2.05 -1.75 4.70
CA ALA B 177 -1.32 -2.95 4.27
C ALA B 177 -0.17 -3.25 5.22
N PRO B 178 0.04 -4.51 5.58
CA PRO B 178 1.31 -4.87 6.20
C PRO B 178 2.48 -4.58 5.26
N VAL B 179 3.64 -4.35 5.85
CA VAL B 179 4.87 -4.01 5.15
C VAL B 179 5.92 -5.09 5.40
N HIS B 180 6.60 -5.51 4.34
CA HIS B 180 7.66 -6.50 4.44
C HIS B 180 8.96 -5.74 4.71
N ILE B 181 9.30 -5.59 6.00
CA ILE B 181 10.36 -4.64 6.35
C ILE B 181 11.75 -5.25 6.20
N TRP B 182 11.89 -6.56 6.30
CA TRP B 182 13.16 -7.22 6.00
C TRP B 182 12.86 -8.58 5.39
N GLU B 183 13.84 -9.09 4.64
CA GLU B 183 13.74 -10.41 4.05
C GLU B 183 15.16 -10.93 3.89
N SER B 184 15.38 -12.18 4.31
CA SER B 184 16.75 -12.66 4.49
C SER B 184 17.56 -12.67 3.20
N SER B 185 16.91 -12.80 2.04
CA SER B 185 17.67 -12.84 0.80
C SER B 185 17.96 -11.45 0.25
N ALA B 186 17.40 -10.41 0.85
CA ALA B 186 17.63 -9.06 0.33
C ALA B 186 19.03 -8.56 0.69
N VAL B 187 19.70 -7.95 -0.29
CA VAL B 187 21.00 -7.33 -0.06
C VAL B 187 20.83 -6.00 0.69
N VAL B 188 19.80 -5.25 0.34
CA VAL B 188 19.47 -3.96 0.95
C VAL B 188 18.03 -4.02 1.38
N ALA B 189 17.75 -3.68 2.64
CA ALA B 189 16.40 -3.37 3.09
C ALA B 189 16.46 -1.94 3.61
N SER B 190 15.62 -1.07 3.06
CA SER B 190 15.69 0.31 3.51
C SER B 190 14.27 0.81 3.75
N PHE B 191 14.16 1.81 4.62
CA PHE B 191 12.90 2.50 4.67
C PHE B 191 13.15 3.97 4.98
N ASP B 192 12.19 4.79 4.57
CA ASP B 192 12.22 6.23 4.79
C ASP B 192 10.81 6.66 5.14
N ALA B 193 10.68 7.64 6.03
CA ALA B 193 9.35 8.19 6.31
C ALA B 193 9.48 9.69 6.51
N THR B 194 8.45 10.44 6.12
CA THR B 194 8.44 11.88 6.31
C THR B 194 7.04 12.24 6.78
N PHE B 195 6.94 13.14 7.75
CA PHE B 195 5.62 13.68 8.04
C PHE B 195 5.73 15.14 8.43
N THR B 196 4.67 15.89 8.14
CA THR B 196 4.57 17.28 8.58
C THR B 196 3.49 17.41 9.63
N PHE B 197 3.74 18.27 10.61
CA PHE B 197 2.86 18.30 11.77
C PHE B 197 2.70 19.72 12.25
N LEU B 198 1.64 19.95 13.02
CA LEU B 198 1.41 21.26 13.60
C LEU B 198 1.05 20.99 15.05
N ILE B 199 1.96 21.30 15.97
CA ILE B 199 1.71 21.18 17.40
C ILE B 199 1.45 22.57 17.95
N LYS B 200 0.27 22.76 18.50
CA LYS B 200 -0.15 24.05 19.02
C LYS B 200 -0.73 23.88 20.42
N SER B 201 -0.36 24.79 21.32
CA SER B 201 -0.80 24.68 22.71
C SER B 201 -0.91 26.08 23.30
N SER B 202 -1.96 26.30 24.09
CA SER B 202 -1.99 27.47 24.95
C SER B 202 -1.71 27.10 26.41
N ASP B 203 -1.22 25.90 26.65
CA ASP B 203 -1.02 25.46 28.02
C ASP B 203 0.25 26.08 28.59
N SER B 204 0.35 25.96 29.91
CA SER B 204 1.58 26.31 30.60
C SER B 204 2.78 25.59 29.98
N HIS B 205 2.60 24.33 29.61
CA HIS B 205 3.58 23.54 28.86
C HIS B 205 2.84 22.67 27.86
N PRO B 206 3.33 22.54 26.64
CA PRO B 206 2.75 21.53 25.74
C PRO B 206 3.13 20.12 26.20
N ALA B 207 2.27 19.18 25.86
CA ALA B 207 2.57 17.77 26.10
C ALA B 207 1.60 16.94 25.26
N ASP B 208 1.93 15.67 25.01
CA ASP B 208 3.16 14.86 25.19
C ASP B 208 4.02 14.58 24.02
N GLY B 209 3.42 14.55 22.85
CA GLY B 209 4.22 14.50 21.63
C GLY B 209 3.63 13.64 20.52
N ILE B 210 4.45 13.41 19.47
CA ILE B 210 4.10 12.65 18.28
C ILE B 210 5.23 11.68 18.00
N ALA B 211 4.90 10.48 17.52
CA ALA B 211 5.89 9.51 17.11
C ALA B 211 5.52 8.87 15.77
N PHE B 212 6.56 8.58 14.99
CA PHE B 212 6.45 7.60 13.92
C PHE B 212 6.90 6.26 14.47
N PHE B 213 6.14 5.20 14.18
CA PHE B 213 6.48 3.91 14.79
C PHE B 213 6.30 2.76 13.81
N ILE B 214 6.99 1.66 14.11
CA ILE B 214 6.90 0.43 13.36
C ILE B 214 6.59 -0.65 14.37
N SER B 215 5.59 -1.48 14.08
CA SER B 215 5.08 -2.43 15.07
C SER B 215 4.79 -3.78 14.43
N ASN B 216 4.57 -4.78 15.29
CA ASN B 216 3.88 -5.98 14.84
C ASN B 216 2.57 -5.63 14.15
N ILE B 217 2.14 -6.50 13.22
CA ILE B 217 1.04 -6.15 12.32
C ILE B 217 -0.26 -5.97 13.09
N ASP B 218 -0.44 -6.67 14.22
CA ASP B 218 -1.68 -6.58 14.99
C ASP B 218 -1.55 -5.65 16.20
N SER B 219 -0.67 -4.66 16.13
CA SER B 219 -0.47 -3.71 17.21
C SER B 219 -1.75 -2.92 17.48
N SER B 220 -2.00 -2.66 18.77
CA SER B 220 -3.09 -1.80 19.21
C SER B 220 -2.58 -0.92 20.34
N ILE B 221 -3.32 0.15 20.63
CA ILE B 221 -2.89 1.09 21.68
C ILE B 221 -2.83 0.34 22.99
N PRO B 222 -1.71 0.34 23.70
CA PRO B 222 -1.65 -0.35 24.99
C PRO B 222 -2.52 0.37 26.01
N SER B 223 -3.19 -0.42 26.85
CA SER B 223 -4.01 0.14 27.92
C SER B 223 -3.21 1.12 28.77
N GLY B 224 -3.76 2.34 28.92
CA GLY B 224 -3.17 3.34 29.80
C GLY B 224 -2.06 4.19 29.24
N SER B 225 -1.80 4.13 27.94
CA SER B 225 -0.62 4.76 27.33
C SER B 225 -0.85 6.22 26.92
N THR B 226 -1.73 6.95 27.58
CA THR B 226 -1.79 8.39 27.39
C THR B 226 -0.56 9.03 28.03
N GLY B 227 -0.47 10.34 27.90
CA GLY B 227 0.60 11.02 28.57
C GLY B 227 1.96 10.62 28.05
N ARG B 228 2.86 10.38 29.00
CA ARG B 228 4.27 10.23 28.69
C ARG B 228 4.59 8.98 27.88
N LEU B 229 3.68 8.03 27.76
CA LEU B 229 3.94 6.79 27.02
C LEU B 229 3.55 6.89 25.56
N LEU B 230 2.96 8.01 25.15
CA LEU B 230 2.84 8.41 23.74
C LEU B 230 2.03 7.42 22.88
N GLY B 231 1.13 6.65 23.47
CA GLY B 231 0.36 5.64 22.79
C GLY B 231 1.12 4.42 22.28
N LEU B 232 2.38 4.25 22.70
CA LEU B 232 3.25 3.20 22.16
C LEU B 232 3.55 2.06 23.13
N PHE B 233 3.59 2.33 24.43
CA PHE B 233 4.13 1.36 25.39
C PHE B 233 3.19 1.19 26.57
N PRO B 234 3.07 -0.03 27.11
CA PRO B 234 2.25 -0.23 28.31
C PRO B 234 2.83 0.36 29.58
N ASP B 235 4.13 0.67 29.62
CA ASP B 235 4.77 1.15 30.84
C ASP B 235 6.06 1.88 30.48
N ALA B 236 6.72 2.44 31.50
CA ALA B 236 7.93 3.22 31.31
C ALA B 236 9.22 2.40 31.45
N ASN B 237 9.12 1.08 31.42
CA ASN B 237 10.31 0.23 31.57
C ASN B 237 11.30 0.40 30.42
N DBB C . -4.61 5.21 -2.78
CA DBB C . -4.51 6.66 -2.85
C DBB C . -4.12 7.33 -1.49
O DBB C . -3.17 8.18 -1.49
CB DBB C . -3.68 7.26 -3.99
CG DBB C . -4.34 6.93 -5.30
OXT DBB C . -4.81 6.99 -0.49
CA CA D . -12.00 -16.09 -24.34
MN MN E . -12.06 -11.97 -24.88
C1 GOL F . -14.05 -22.31 -22.93
O1 GOL F . -13.50 -21.08 -22.53
C2 GOL F . -13.36 -23.33 -22.08
O2 GOL F . -14.01 -24.50 -21.97
C3 GOL F . -11.98 -23.50 -22.65
O3 GOL F . -11.24 -23.68 -21.49
C1 PEG G . -8.18 14.74 -1.44
O1 PEG G . -7.00 14.04 -1.72
C2 PEG G . -8.44 14.97 0.05
O2 PEG G . -8.65 16.35 0.21
C3 PEG G . -9.31 16.78 1.38
C4 PEG G . -9.15 18.29 1.54
O4 PEG G . -9.62 18.98 0.40
CL CL H . -23.23 -17.22 -19.24
CL CL I . -17.68 -20.23 -27.15
N DBB J . 6.10 -4.40 1.70
CA DBB J . 7.04 -4.94 0.73
C DBB J . 6.41 -5.73 -0.48
O DBB J . 6.72 -5.39 -1.67
CB DBB J . 8.14 -3.96 0.30
CG DBB J . 9.02 -3.62 1.48
OXT DBB J . 5.66 -6.71 -0.22
CA CA K . 8.17 12.96 27.56
MN MN L . 11.35 11.23 25.59
C1 GOL M . 2.02 15.70 30.66
O1 GOL M . 0.78 15.52 30.04
C2 GOL M . 2.10 14.63 31.76
O2 GOL M . 0.89 14.54 32.46
C3 GOL M . 2.43 13.31 31.02
O3 GOL M . 3.70 13.48 30.49
C1 CFA N . 6.01 14.64 1.84
C2 CFA N . 7.46 15.09 1.66
C1' CFA N . 7.81 17.43 1.84
C2' CFA N . 7.30 18.68 1.56
C3' CFA N . 7.61 19.77 2.37
C4' CFA N . 8.44 19.61 3.46
C5' CFA N . 8.96 18.36 3.74
CL3 CFA N . 6.23 18.91 0.16
C6' CFA N . 8.65 17.27 2.93
O1 CFA N . 5.66 14.01 2.88
O2 CFA N . 5.16 14.90 0.96
O1' CFA N . 7.51 16.34 1.02
CL4 CFA N . 8.84 21.00 4.50
C1 PEG O . 11.85 -10.07 -1.50
O1 PEG O . 13.20 -10.45 -1.38
C2 PEG O . 10.95 -11.31 -1.42
O2 PEG O . 11.76 -12.44 -1.49
C3 PEG O . 11.25 -13.56 -2.14
C4 PEG O . 12.38 -14.17 -2.97
O4 PEG O . 11.95 -15.35 -3.59
CL CL P . 4.49 3.11 34.26
CL CL Q . 7.75 13.12 35.10
#